data_2R5P
#
_entry.id   2R5P
#
_cell.length_a   46.727
_cell.length_b   59.526
_cell.length_c   87.384
_cell.angle_alpha   90.000
_cell.angle_beta   95.560
_cell.angle_gamma   90.000
#
_symmetry.space_group_name_H-M   'P 1 21 1'
#
loop_
_entity.id
_entity.type
_entity.pdbx_description
1 polymer Protease
2 non-polymer 'CHLORIDE ION'
3 non-polymer 'SODIUM ION'
4 non-polymer 'N-[2(R)-HYDROXY-1(S)-INDANYL]-5-[(2(S)-TERTIARY BUTYLAMINOCARBONYL)-4(3-PYRIDYLMETHYL)PIPERAZINO]-4(S)-HYDROXY-2(R)-PHENYLMETHYLPENTANAMIDE'
5 water water
#
_entity_poly.entity_id   1
_entity_poly.type   'polypeptide(L)'
_entity_poly.pdbx_seq_one_letter_code
;PQITLWKRPLVSIKVGGQIKEALLDTGADDTVIEEIALPGRWKPKMIGGIGGFIKVRQYDQIIIEICGKKAIGTVLVGPT
PVNIIGRNMLTQLGCTLNF
;
_entity_poly.pdbx_strand_id   A,B,C,D
#
loop_
_chem_comp.id
_chem_comp.type
_chem_comp.name
_chem_comp.formula
CL non-polymer 'CHLORIDE ION' 'Cl -1'
MK1 non-polymer 'N-[2(R)-HYDROXY-1(S)-INDANYL]-5-[(2(S)-TERTIARY BUTYLAMINOCARBONYL)-4(3-PYRIDYLMETHYL)PIPERAZINO]-4(S)-HYDROXY-2(R)-PHENYLMETHYLPENTANAMIDE' 'C36 H47 N5 O4'
NA non-polymer 'SODIUM ION' 'Na 1'
#
# COMPACT_ATOMS: atom_id res chain seq x y z
N PRO A 1 -2.59 21.46 31.77
CA PRO A 1 -3.81 21.23 30.95
C PRO A 1 -4.03 19.76 30.62
N GLN A 2 -5.24 19.43 30.17
CA GLN A 2 -5.54 18.08 29.72
C GLN A 2 -5.68 18.22 28.21
N ILE A 3 -4.93 17.40 27.47
CA ILE A 3 -4.94 17.51 26.03
C ILE A 3 -5.49 16.23 25.39
N THR A 4 -6.52 16.41 24.55
CA THR A 4 -7.14 15.30 23.85
C THR A 4 -6.28 14.95 22.64
N LEU A 5 -6.53 13.79 22.05
CA LEU A 5 -5.71 13.32 20.94
C LEU A 5 -6.46 13.23 19.62
N TRP A 6 -7.56 13.97 19.50
CA TRP A 6 -8.32 13.99 18.24
C TRP A 6 -7.44 14.55 17.15
N LYS A 7 -6.62 15.55 17.50
CA LYS A 7 -5.67 16.08 16.55
C LYS A 7 -4.28 16.00 17.18
N ARG A 8 -3.24 16.26 16.38
CA ARG A 8 -1.89 16.21 16.91
C ARG A 8 -1.74 17.12 18.12
N PRO A 9 -1.13 16.61 19.19
CA PRO A 9 -0.93 17.41 20.40
C PRO A 9 0.23 18.41 20.24
N LEU A 10 0.00 19.44 19.43
CA LEU A 10 1.01 20.49 19.21
C LEU A 10 0.89 21.56 20.28
N VAL A 11 2.02 22.14 20.68
CA VAL A 11 2.04 23.22 21.66
C VAL A 11 3.14 24.21 21.31
N SER A 12 3.06 25.41 21.88
CA SER A 12 4.08 26.42 21.66
C SER A 12 5.17 26.19 22.69
N ILE A 13 6.43 26.26 22.26
CA ILE A 13 7.51 26.07 23.20
C ILE A 13 8.53 27.19 23.05
N LYS A 14 9.27 27.44 24.13
CA LYS A 14 10.31 28.45 24.12
C LYS A 14 11.60 27.66 24.29
N VAL A 15 12.52 27.86 23.35
CA VAL A 15 13.81 27.17 23.38
C VAL A 15 14.78 27.96 22.52
N GLY A 16 16.03 28.06 22.98
CA GLY A 16 17.03 28.81 22.23
C GLY A 16 16.59 30.25 22.01
N GLY A 17 15.91 30.81 23.01
CA GLY A 17 15.44 32.18 22.92
C GLY A 17 14.33 32.37 21.89
N GLN A 18 14.01 31.30 21.16
CA GLN A 18 12.98 31.35 20.14
C GLN A 18 11.70 30.63 20.56
N ILE A 19 10.60 30.97 19.90
CA ILE A 19 9.33 30.32 20.13
C ILE A 19 9.07 29.41 18.95
N LYS A 20 8.61 28.19 19.23
CA LYS A 20 8.36 27.21 18.18
C LYS A 20 7.17 26.31 18.46
N GLU A 21 6.73 25.61 17.41
CA GLU A 21 5.62 24.67 17.55
C GLU A 21 6.24 23.28 17.65
N ALA A 22 5.77 22.49 18.61
CA ALA A 22 6.31 21.15 18.79
C ALA A 22 5.20 20.18 19.18
N LEU A 23 5.49 18.89 19.02
CA LEU A 23 4.54 17.82 19.28
C LEU A 23 4.87 17.06 20.56
N LEU A 24 3.88 16.90 21.44
CA LEU A 24 4.09 16.14 22.68
C LEU A 24 4.03 14.66 22.28
N ASP A 25 5.19 13.99 22.32
CA ASP A 25 5.33 12.66 21.77
C ASP A 25 5.79 11.60 22.77
N THR A 26 4.84 10.83 23.31
CA THR A 26 5.16 9.79 24.29
C THR A 26 5.99 8.65 23.71
N GLY A 27 5.86 8.43 22.40
CA GLY A 27 6.61 7.37 21.76
C GLY A 27 8.03 7.78 21.42
N ALA A 28 8.37 9.03 21.68
CA ALA A 28 9.72 9.52 21.38
C ALA A 28 10.60 9.52 22.63
N ASP A 29 11.74 8.81 22.58
CA ASP A 29 12.64 8.80 23.72
C ASP A 29 13.32 10.15 23.88
N ASP A 30 13.66 10.77 22.75
CA ASP A 30 14.42 12.01 22.77
C ASP A 30 13.60 13.19 22.28
N THR A 31 14.17 14.38 22.48
CA THR A 31 13.56 15.61 22.05
C THR A 31 14.39 16.09 20.87
N VAL A 32 13.75 16.27 19.71
CA VAL A 32 14.46 16.70 18.53
C VAL A 32 13.75 17.86 17.84
N ILE A 33 14.53 18.89 17.53
CA ILE A 33 14.02 20.11 16.92
C ILE A 33 14.74 20.37 15.59
N GLU A 34 14.02 20.99 14.66
CA GLU A 34 14.58 21.35 13.35
C GLU A 34 15.77 22.30 13.58
N GLU A 35 16.56 22.54 12.54
CA GLU A 35 17.69 23.44 12.66
C GLU A 35 17.37 24.67 13.50
N ILE A 36 18.16 24.87 14.55
CA ILE A 36 18.01 25.99 15.46
C ILE A 36 19.38 26.24 16.07
N ALA A 37 19.67 27.50 16.38
CA ALA A 37 20.97 27.85 16.94
C ALA A 37 21.01 27.63 18.45
N LEU A 38 21.88 26.71 18.89
CA LEU A 38 22.02 26.42 20.30
C LEU A 38 23.46 26.63 20.74
N PRO A 39 23.66 27.23 21.92
CA PRO A 39 24.98 27.50 22.48
C PRO A 39 25.63 26.27 23.12
N GLY A 40 26.96 26.32 23.23
CA GLY A 40 27.68 25.21 23.83
C GLY A 40 28.20 24.25 22.80
N ARG A 41 28.95 23.25 23.26
CA ARG A 41 29.49 22.26 22.36
C ARG A 41 28.44 21.18 22.13
N TRP A 42 28.57 20.42 21.05
CA TRP A 42 27.62 19.36 20.73
C TRP A 42 28.32 18.08 20.32
N LYS A 43 27.58 16.96 20.37
CA LYS A 43 28.09 15.65 19.98
C LYS A 43 27.20 15.10 18.88
N PRO A 44 27.80 14.37 17.91
CA PRO A 44 26.97 13.81 16.85
C PRO A 44 26.24 12.57 17.34
N LYS A 45 25.04 12.33 16.79
CA LYS A 45 24.26 11.17 17.20
C LYS A 45 23.33 10.76 16.07
N MET A 46 23.00 9.46 16.06
CA MET A 46 22.08 8.90 15.08
C MET A 46 20.83 8.48 15.81
N ILE A 47 19.66 8.91 15.32
CA ILE A 47 18.43 8.47 15.94
C ILE A 47 17.53 7.83 14.90
N GLY A 48 16.86 6.76 15.29
CA GLY A 48 15.99 6.06 14.35
C GLY A 48 14.51 6.33 14.44
N GLY A 49 13.91 6.56 13.28
CA GLY A 49 12.48 6.81 13.19
C GLY A 49 11.85 5.64 12.47
N ILE A 50 10.56 5.74 12.14
CA ILE A 50 9.92 4.63 11.45
C ILE A 50 10.50 4.51 10.05
N GLY A 51 11.04 5.60 9.52
CA GLY A 51 11.61 5.57 8.18
C GLY A 51 13.11 5.33 8.09
N GLY A 52 13.76 5.25 9.24
CA GLY A 52 15.20 5.04 9.24
C GLY A 52 15.88 6.02 10.17
N PHE A 53 17.21 6.07 10.10
CA PHE A 53 17.96 6.97 10.97
C PHE A 53 18.36 8.27 10.30
N ILE A 54 18.45 9.34 11.10
CA ILE A 54 18.92 10.63 10.63
C ILE A 54 20.08 11.03 11.57
N LYS A 55 20.97 11.88 11.09
CA LYS A 55 22.11 12.33 11.89
C LYS A 55 21.72 13.64 12.55
N VAL A 56 22.05 13.79 13.83
CA VAL A 56 21.69 15.00 14.57
C VAL A 56 22.81 15.48 15.47
N ARG A 57 22.69 16.73 15.91
CA ARG A 57 23.65 17.31 16.83
C ARG A 57 23.04 17.28 18.23
N GLN A 58 23.78 16.72 19.20
CA GLN A 58 23.29 16.60 20.55
C GLN A 58 23.79 17.72 21.47
N TYR A 59 22.85 18.52 21.96
CA TYR A 59 23.18 19.57 22.91
C TYR A 59 22.66 19.15 24.28
N ASP A 60 23.43 19.45 25.33
CA ASP A 60 23.00 19.11 26.67
C ASP A 60 22.71 20.35 27.51
N GLN A 61 22.01 20.15 28.62
CA GLN A 61 21.67 21.24 29.53
C GLN A 61 20.94 22.36 28.81
N ILE A 62 19.95 21.99 28.00
CA ILE A 62 19.16 22.98 27.29
C ILE A 62 17.83 23.16 27.99
N ILE A 63 17.44 24.43 28.18
CA ILE A 63 16.18 24.74 28.83
C ILE A 63 15.08 24.99 27.80
N ILE A 64 13.88 24.49 28.10
CA ILE A 64 12.72 24.69 27.25
C ILE A 64 11.55 25.06 28.16
N GLU A 65 10.62 25.85 27.63
CA GLU A 65 9.45 26.23 28.40
C GLU A 65 8.21 25.83 27.62
N ILE A 66 7.24 25.26 28.34
CA ILE A 66 5.99 24.82 27.74
C ILE A 66 4.84 25.04 28.70
N CYS A 67 3.90 25.92 28.31
CA CYS A 67 2.72 26.20 29.13
C CYS A 67 3.08 26.64 30.54
N GLY A 68 4.02 27.58 30.66
CA GLY A 68 4.40 28.06 31.98
C GLY A 68 5.34 27.16 32.78
N LYS A 69 5.57 25.93 32.30
CA LYS A 69 6.46 25.01 32.99
C LYS A 69 7.80 24.92 32.28
N LYS A 70 8.88 24.80 33.05
CA LYS A 70 10.22 24.73 32.49
C LYS A 70 10.86 23.36 32.72
N ALA A 71 11.79 23.00 31.83
CA ALA A 71 12.51 21.75 31.92
C ALA A 71 13.88 21.93 31.29
N ILE A 72 14.86 21.18 31.80
CA ILE A 72 16.20 21.23 31.25
C ILE A 72 16.61 19.81 30.91
N GLY A 73 17.35 19.67 29.81
CA GLY A 73 17.80 18.37 29.38
C GLY A 73 18.44 18.38 28.01
N THR A 74 18.67 17.19 27.47
CA THR A 74 19.29 17.08 26.16
C THR A 74 18.30 17.41 25.03
N VAL A 75 18.78 18.16 24.04
CA VAL A 75 17.98 18.51 22.88
C VAL A 75 18.78 18.13 21.65
N LEU A 76 18.15 17.39 20.73
CA LEU A 76 18.82 16.95 19.52
C LEU A 76 18.38 17.85 18.39
N VAL A 77 19.35 18.29 17.58
CA VAL A 77 19.06 19.21 16.48
C VAL A 77 19.39 18.53 15.16
N GLY A 78 18.40 18.52 14.26
CA GLY A 78 18.59 17.89 12.97
C GLY A 78 17.38 17.98 12.03
N PRO A 79 17.45 17.32 10.88
CA PRO A 79 16.38 17.31 9.87
C PRO A 79 15.16 16.46 10.23
N THR A 80 14.38 16.94 11.20
CA THR A 80 13.18 16.25 11.61
C THR A 80 11.99 16.96 10.96
N PRO A 81 11.06 16.20 10.38
CA PRO A 81 9.86 16.77 9.72
C PRO A 81 8.99 17.60 10.64
N VAL A 82 9.05 17.30 11.93
CA VAL A 82 8.24 17.99 12.93
C VAL A 82 9.10 18.15 14.18
N ASN A 83 8.83 19.18 14.97
CA ASN A 83 9.56 19.35 16.21
C ASN A 83 8.92 18.42 17.23
N ILE A 84 9.76 17.69 17.96
CA ILE A 84 9.29 16.65 18.87
C ILE A 84 9.77 16.80 20.30
N ILE A 85 8.81 16.86 21.23
CA ILE A 85 9.12 16.90 22.65
C ILE A 85 8.97 15.47 23.13
N GLY A 86 10.10 14.86 23.48
CA GLY A 86 10.09 13.47 23.94
C GLY A 86 9.99 13.27 25.44
N ARG A 87 10.04 12.01 25.85
CA ARG A 87 9.93 11.65 27.26
C ARG A 87 10.98 12.30 28.17
N ASN A 88 12.21 12.46 27.68
CA ASN A 88 13.25 13.07 28.52
C ASN A 88 12.83 14.45 29.01
N MET A 89 11.93 15.11 28.28
CA MET A 89 11.43 16.43 28.67
C MET A 89 10.00 16.32 29.23
N LEU A 90 9.19 15.42 28.67
CA LEU A 90 7.82 15.25 29.14
C LEU A 90 7.78 14.88 30.63
N THR A 91 8.70 14.03 31.09
CA THR A 91 8.73 13.66 32.50
C THR A 91 8.95 14.90 33.37
N GLN A 92 9.84 15.78 32.94
CA GLN A 92 10.18 16.98 33.71
C GLN A 92 9.00 17.94 33.83
N LEU A 93 8.06 17.87 32.89
CA LEU A 93 6.89 18.74 32.91
C LEU A 93 5.78 18.09 33.71
N GLY A 94 6.02 16.85 34.17
CA GLY A 94 5.02 16.14 34.93
C GLY A 94 3.88 15.69 34.04
N CYS A 95 4.20 15.45 32.76
CA CYS A 95 3.21 15.01 31.79
C CYS A 95 2.96 13.51 31.88
N THR A 96 1.69 13.13 31.99
CA THR A 96 1.34 11.71 32.06
C THR A 96 0.27 11.35 31.04
N LEU A 97 0.07 10.04 30.87
CA LEU A 97 -0.90 9.51 29.94
C LEU A 97 -2.05 9.03 30.79
N ASN A 98 -3.27 9.47 30.50
CA ASN A 98 -4.41 9.07 31.33
C ASN A 98 -5.62 8.57 30.57
N PHE A 99 -6.25 7.53 31.11
CA PHE A 99 -7.47 6.96 30.54
C PHE A 99 -8.11 6.05 31.60
N PRO B 1 -6.43 4.43 34.28
CA PRO B 1 -5.12 4.50 34.97
C PRO B 1 -4.26 5.68 34.52
N GLN B 2 -3.05 5.75 35.06
CA GLN B 2 -2.12 6.83 34.75
C GLN B 2 -0.74 6.25 34.50
N ILE B 3 -0.20 6.53 33.31
CA ILE B 3 1.09 6.03 32.89
C ILE B 3 2.12 7.17 32.88
N THR B 4 3.18 7.01 33.65
CA THR B 4 4.25 8.00 33.67
C THR B 4 5.18 7.67 32.49
N LEU B 5 6.06 8.61 32.15
CA LEU B 5 6.91 8.43 30.98
C LEU B 5 8.40 8.29 31.27
N TRP B 6 8.71 7.91 32.53
CA TRP B 6 10.11 7.71 32.93
C TRP B 6 10.74 6.58 32.14
N LYS B 7 9.89 5.71 31.58
CA LYS B 7 10.36 4.68 30.67
C LYS B 7 9.35 4.60 29.52
N ARG B 8 9.69 3.84 28.48
CA ARG B 8 8.80 3.71 27.34
C ARG B 8 7.44 3.17 27.75
N PRO B 9 6.36 3.83 27.29
CA PRO B 9 5.00 3.40 27.62
C PRO B 9 4.61 2.18 26.78
N LEU B 10 5.19 1.03 27.14
CA LEU B 10 4.95 -0.22 26.44
C LEU B 10 3.81 -0.97 27.12
N VAL B 11 2.92 -1.56 26.34
CA VAL B 11 1.82 -2.34 26.89
C VAL B 11 1.63 -3.60 26.05
N SER B 12 0.93 -4.59 26.62
CA SER B 12 0.60 -5.80 25.88
C SER B 12 -0.68 -5.55 25.11
N ILE B 13 -0.78 -6.08 23.90
CA ILE B 13 -1.97 -5.93 23.09
C ILE B 13 -2.32 -7.26 22.45
N LYS B 14 -3.58 -7.41 22.06
CA LYS B 14 -4.00 -8.60 21.33
C LYS B 14 -4.55 -8.14 20.00
N VAL B 15 -3.94 -8.66 18.92
CA VAL B 15 -4.36 -8.34 17.56
C VAL B 15 -4.00 -9.52 16.66
N GLY B 16 -4.85 -9.80 15.67
CA GLY B 16 -4.61 -10.92 14.78
C GLY B 16 -4.53 -12.22 15.56
N GLY B 17 -5.26 -12.28 16.69
CA GLY B 17 -5.26 -13.46 17.51
C GLY B 17 -3.93 -13.68 18.23
N GLN B 18 -3.08 -12.67 18.23
CA GLN B 18 -1.77 -12.76 18.86
C GLN B 18 -1.53 -11.71 19.93
N ILE B 19 -0.72 -12.08 20.93
CA ILE B 19 -0.34 -11.15 21.98
C ILE B 19 0.98 -10.52 21.57
N LYS B 20 1.02 -9.19 21.55
CA LYS B 20 2.24 -8.47 21.21
C LYS B 20 2.47 -7.29 22.13
N GLU B 21 3.68 -6.74 22.05
CA GLU B 21 4.03 -5.57 22.85
C GLU B 21 3.96 -4.35 21.92
N ALA B 22 3.36 -3.26 22.39
CA ALA B 22 3.22 -2.08 21.56
C ALA B 22 3.47 -0.80 22.35
N LEU B 23 3.77 0.27 21.62
CA LEU B 23 4.09 1.57 22.18
C LEU B 23 2.90 2.53 22.09
N LEU B 24 2.50 3.11 23.22
CA LEU B 24 1.42 4.10 23.21
C LEU B 24 2.08 5.39 22.75
N ASP B 25 1.77 5.80 21.53
CA ASP B 25 2.48 6.88 20.87
C ASP B 25 1.62 8.07 20.48
N THR B 26 1.61 9.11 21.31
CA THR B 26 0.83 10.31 21.01
C THR B 26 1.35 11.04 19.77
N GLY B 27 2.62 10.81 19.40
CA GLY B 27 3.17 11.47 18.23
C GLY B 27 2.86 10.74 16.93
N ALA B 28 2.14 9.63 17.04
CA ALA B 28 1.78 8.86 15.86
C ALA B 28 0.33 9.09 15.46
N ASP B 29 0.10 9.47 14.21
CA ASP B 29 -1.26 9.67 13.72
C ASP B 29 -1.98 8.33 13.65
N ASP B 30 -1.28 7.30 13.16
CA ASP B 30 -1.91 6.00 12.97
C ASP B 30 -1.30 4.91 13.83
N THR B 31 -1.90 3.72 13.71
CA THR B 31 -1.45 2.54 14.45
C THR B 31 -0.84 1.58 13.44
N VAL B 32 0.44 1.24 13.64
CA VAL B 32 1.13 0.35 12.71
C VAL B 32 1.79 -0.82 13.44
N ILE B 33 1.61 -2.02 12.89
CA ILE B 33 2.13 -3.22 13.50
C ILE B 33 3.01 -4.02 12.54
N GLU B 34 3.97 -4.75 13.12
CA GLU B 34 4.88 -5.61 12.36
C GLU B 34 4.08 -6.60 11.54
N GLU B 35 4.75 -7.19 10.56
CA GLU B 35 4.15 -8.17 9.69
C GLU B 35 3.32 -9.14 10.51
N ILE B 36 2.04 -9.25 10.15
CA ILE B 36 1.13 -10.14 10.86
C ILE B 36 -0.03 -10.39 9.91
N ALA B 37 -0.76 -11.49 10.15
CA ALA B 37 -1.88 -11.83 9.27
C ALA B 37 -3.19 -11.22 9.77
N LEU B 38 -3.79 -10.36 8.96
CA LEU B 38 -5.08 -9.76 9.30
C LEU B 38 -6.10 -10.15 8.23
N PRO B 39 -7.37 -10.29 8.64
CA PRO B 39 -8.46 -10.66 7.72
C PRO B 39 -8.99 -9.50 6.88
N GLY B 40 -9.59 -9.83 5.74
CA GLY B 40 -10.15 -8.80 4.89
C GLY B 40 -9.23 -8.25 3.81
N ARG B 41 -9.73 -7.25 3.09
CA ARG B 41 -8.97 -6.62 2.02
C ARG B 41 -8.22 -5.42 2.56
N TRP B 42 -7.13 -5.03 1.89
CA TRP B 42 -6.35 -3.90 2.35
C TRP B 42 -6.09 -2.92 1.22
N LYS B 43 -5.70 -1.70 1.60
CA LYS B 43 -5.37 -0.65 0.64
C LYS B 43 -3.94 -0.25 0.94
N PRO B 44 -3.23 0.29 -0.04
CA PRO B 44 -1.84 0.70 0.20
C PRO B 44 -1.80 2.05 0.89
N LYS B 45 -0.70 2.33 1.60
CA LYS B 45 -0.55 3.61 2.26
C LYS B 45 0.90 3.92 2.57
N MET B 46 1.23 5.20 2.50
CA MET B 46 2.57 5.69 2.81
C MET B 46 2.48 6.43 4.13
N ILE B 47 3.29 6.06 5.10
CA ILE B 47 3.32 6.80 6.35
C ILE B 47 4.75 7.31 6.54
N GLY B 48 4.88 8.56 6.95
CA GLY B 48 6.20 9.13 7.14
C GLY B 48 6.52 9.64 8.53
N GLY B 49 7.76 9.46 8.93
CA GLY B 49 8.21 9.92 10.24
C GLY B 49 9.65 10.38 10.10
N ILE B 50 10.43 10.26 11.16
CA ILE B 50 11.82 10.66 11.08
C ILE B 50 12.46 9.64 10.15
N GLY B 51 13.32 10.11 9.24
CA GLY B 51 13.98 9.20 8.33
C GLY B 51 13.25 8.89 7.04
N GLY B 52 12.04 9.44 6.87
CA GLY B 52 11.31 9.20 5.64
C GLY B 52 10.04 8.36 5.73
N PHE B 53 9.62 7.80 4.60
CA PHE B 53 8.41 7.01 4.53
C PHE B 53 8.61 5.52 4.39
N ILE B 54 7.58 4.76 4.78
CA ILE B 54 7.57 3.33 4.56
C ILE B 54 6.20 2.95 3.99
N LYS B 55 6.17 1.86 3.22
CA LYS B 55 4.93 1.37 2.60
C LYS B 55 4.29 0.34 3.51
N VAL B 56 3.00 0.54 3.82
CA VAL B 56 2.30 -0.39 4.68
C VAL B 56 0.95 -0.78 4.08
N ARG B 57 0.36 -1.85 4.60
CA ARG B 57 -0.95 -2.31 4.16
C ARG B 57 -1.98 -1.82 5.17
N GLN B 58 -3.06 -1.22 4.69
CA GLN B 58 -4.12 -0.70 5.57
C GLN B 58 -5.34 -1.61 5.65
N TYR B 59 -5.59 -2.18 6.84
CA TYR B 59 -6.77 -2.99 7.08
C TYR B 59 -7.71 -2.16 7.95
N ASP B 60 -9.01 -2.23 7.69
CA ASP B 60 -9.95 -1.46 8.48
C ASP B 60 -10.83 -2.30 9.40
N GLN B 61 -11.40 -1.64 10.41
CA GLN B 61 -12.28 -2.26 11.39
C GLN B 61 -11.68 -3.51 12.03
N ILE B 62 -10.42 -3.39 12.44
CA ILE B 62 -9.69 -4.49 13.07
C ILE B 62 -9.86 -4.39 14.58
N ILE B 63 -10.12 -5.53 15.22
CA ILE B 63 -10.30 -5.57 16.66
C ILE B 63 -8.94 -5.63 17.34
N ILE B 64 -8.78 -4.86 18.42
CA ILE B 64 -7.54 -4.85 19.16
C ILE B 64 -7.79 -4.63 20.67
N GLU B 65 -7.16 -5.45 21.50
CA GLU B 65 -7.30 -5.31 22.94
C GLU B 65 -6.06 -4.61 23.46
N ILE B 66 -6.26 -3.56 24.26
CA ILE B 66 -5.18 -2.75 24.81
C ILE B 66 -5.55 -2.39 26.24
N CYS B 67 -4.67 -2.75 27.18
CA CYS B 67 -4.87 -2.47 28.60
C CYS B 67 -6.28 -2.84 29.07
N GLY B 68 -6.70 -4.06 28.76
CA GLY B 68 -8.03 -4.50 29.18
C GLY B 68 -9.18 -3.80 28.50
N LYS B 69 -8.90 -3.11 27.39
CA LYS B 69 -9.95 -2.41 26.66
C LYS B 69 -9.97 -2.90 25.22
N LYS B 70 -11.16 -2.86 24.61
CA LYS B 70 -11.27 -3.25 23.22
C LYS B 70 -11.40 -2.00 22.37
N ALA B 71 -10.71 -2.01 21.23
CA ALA B 71 -10.80 -0.92 20.26
C ALA B 71 -10.97 -1.60 18.92
N ILE B 72 -11.76 -0.97 18.04
CA ILE B 72 -11.97 -1.51 16.71
C ILE B 72 -11.72 -0.36 15.75
N GLY B 73 -10.71 -0.51 14.89
CA GLY B 73 -10.38 0.53 13.96
C GLY B 73 -9.34 0.17 12.93
N THR B 74 -8.78 1.20 12.29
CA THR B 74 -7.79 1.01 11.26
C THR B 74 -6.44 0.59 11.80
N VAL B 75 -5.87 -0.46 11.21
CA VAL B 75 -4.56 -0.94 11.63
C VAL B 75 -3.69 -1.09 10.39
N LEU B 76 -2.49 -0.52 10.45
CA LEU B 76 -1.57 -0.59 9.33
C LEU B 76 -0.54 -1.68 9.65
N VAL B 77 -0.12 -2.39 8.61
CA VAL B 77 0.84 -3.48 8.76
C VAL B 77 2.03 -3.21 7.84
N GLY B 78 3.24 -3.35 8.40
CA GLY B 78 4.43 -3.12 7.62
C GLY B 78 5.72 -3.18 8.40
N PRO B 79 6.84 -2.82 7.77
CA PRO B 79 8.16 -2.84 8.41
C PRO B 79 8.40 -1.69 9.38
N THR B 80 7.67 -1.69 10.50
CA THR B 80 7.87 -0.67 11.52
C THR B 80 8.80 -1.23 12.59
N PRO B 81 9.78 -0.43 13.03
CA PRO B 81 10.74 -0.86 14.06
C PRO B 81 10.10 -1.42 15.32
N VAL B 82 8.98 -0.82 15.74
CA VAL B 82 8.26 -1.28 16.93
C VAL B 82 6.76 -1.18 16.65
N ASN B 83 5.96 -1.96 17.37
CA ASN B 83 4.51 -1.90 17.18
C ASN B 83 4.03 -0.60 17.81
N ILE B 84 3.24 0.16 17.05
CA ILE B 84 2.81 1.49 17.51
C ILE B 84 1.30 1.68 17.61
N ILE B 85 0.85 2.09 18.79
CA ILE B 85 -0.55 2.43 18.99
C ILE B 85 -0.65 3.93 18.81
N GLY B 86 -1.26 4.35 17.70
CA GLY B 86 -1.41 5.78 17.43
C GLY B 86 -2.69 6.41 17.91
N ARG B 87 -2.83 7.71 17.65
CA ARG B 87 -4.00 8.47 18.08
C ARG B 87 -5.36 7.92 17.64
N ASN B 88 -5.43 7.30 16.46
CA ASN B 88 -6.70 6.75 16.01
C ASN B 88 -7.23 5.72 17.01
N MET B 89 -6.32 5.01 17.67
CA MET B 89 -6.73 4.01 18.67
C MET B 89 -6.74 4.59 20.08
N LEU B 90 -5.77 5.46 20.37
CA LEU B 90 -5.67 6.08 21.67
C LEU B 90 -6.92 6.87 22.00
N THR B 91 -7.52 7.52 21.01
CA THR B 91 -8.74 8.28 21.27
C THR B 91 -9.87 7.32 21.65
N GLN B 92 -9.94 6.16 20.99
CA GLN B 92 -10.97 5.19 21.34
C GLN B 92 -10.85 4.76 22.79
N LEU B 93 -9.63 4.76 23.32
CA LEU B 93 -9.40 4.37 24.70
C LEU B 93 -9.69 5.53 25.66
N GLY B 94 -10.00 6.71 25.12
CA GLY B 94 -10.26 7.86 25.96
C GLY B 94 -8.99 8.40 26.59
N CYS B 95 -7.88 8.20 25.90
CA CYS B 95 -6.57 8.62 26.38
C CYS B 95 -6.32 10.12 26.19
N THR B 96 -5.72 10.76 27.20
CA THR B 96 -5.38 12.18 27.13
C THR B 96 -4.03 12.42 27.80
N LEU B 97 -3.36 13.51 27.43
CA LEU B 97 -2.10 13.90 28.05
C LEU B 97 -2.41 14.91 29.15
N ASN B 98 -1.75 14.78 30.30
CA ASN B 98 -2.01 15.67 31.42
C ASN B 98 -0.73 16.19 32.06
N PHE B 99 -0.69 17.49 32.32
CA PHE B 99 0.47 18.09 32.99
C PHE B 99 0.14 19.51 33.46
N PRO C 1 7.61 -14.09 -6.27
CA PRO C 1 8.43 -14.44 -7.46
C PRO C 1 8.37 -13.37 -8.55
N GLN C 2 9.29 -13.45 -9.49
CA GLN C 2 9.28 -12.56 -10.64
C GLN C 2 8.90 -13.45 -11.81
N ILE C 3 7.86 -13.06 -12.54
CA ILE C 3 7.37 -13.89 -13.63
C ILE C 3 7.54 -13.21 -14.97
N THR C 4 8.22 -13.88 -15.90
CA THR C 4 8.44 -13.36 -17.24
C THR C 4 7.17 -13.60 -18.05
N LEU C 5 7.08 -12.94 -19.20
CA LEU C 5 5.88 -13.03 -20.02
C LEU C 5 6.11 -13.72 -21.37
N TRP C 6 7.18 -14.53 -21.47
CA TRP C 6 7.45 -15.25 -22.72
C TRP C 6 6.30 -16.21 -22.97
N LYS C 7 5.78 -16.80 -21.90
CA LYS C 7 4.61 -17.65 -22.03
C LYS C 7 3.53 -17.13 -21.09
N ARG C 8 2.31 -17.66 -21.21
CA ARG C 8 1.23 -17.22 -20.36
C ARG C 8 1.60 -17.36 -18.89
N PRO C 9 1.35 -16.31 -18.11
CA PRO C 9 1.67 -16.34 -16.67
C PRO C 9 0.64 -17.16 -15.88
N LEU C 10 0.67 -18.48 -16.05
CA LEU C 10 -0.23 -19.38 -15.35
C LEU C 10 0.38 -19.76 -13.99
N VAL C 11 -0.48 -19.96 -12.99
CA VAL C 11 -0.04 -20.36 -11.66
C VAL C 11 -1.08 -21.29 -11.04
N SER C 12 -0.68 -22.03 -10.01
CA SER C 12 -1.61 -22.90 -9.31
C SER C 12 -2.28 -22.05 -8.24
N ILE C 13 -3.60 -22.21 -8.10
CA ILE C 13 -4.30 -21.47 -7.07
C ILE C 13 -5.20 -22.39 -6.27
N LYS C 14 -5.46 -21.99 -5.02
CA LYS C 14 -6.33 -22.75 -4.15
C LYS C 14 -7.56 -21.89 -3.97
N VAL C 15 -8.73 -22.45 -4.27
CA VAL C 15 -9.99 -21.73 -4.16
C VAL C 15 -11.12 -22.76 -4.08
N GLY C 16 -12.11 -22.48 -3.23
CA GLY C 16 -13.23 -23.40 -3.08
C GLY C 16 -12.74 -24.77 -2.67
N GLY C 17 -11.69 -24.80 -1.84
CA GLY C 17 -11.14 -26.06 -1.39
C GLY C 17 -10.45 -26.86 -2.48
N GLN C 18 -10.52 -26.35 -3.70
CA GLN C 18 -9.90 -27.02 -4.85
C GLN C 18 -8.66 -26.31 -5.34
N ILE C 19 -7.81 -27.06 -6.05
CA ILE C 19 -6.62 -26.50 -6.65
C ILE C 19 -6.88 -26.35 -8.15
N LYS C 20 -6.47 -25.21 -8.71
CA LYS C 20 -6.71 -24.94 -10.12
C LYS C 20 -5.60 -24.14 -10.78
N GLU C 21 -5.63 -24.13 -12.11
CA GLU C 21 -4.66 -23.36 -12.89
C GLU C 21 -5.33 -22.08 -13.32
N ALA C 22 -4.65 -20.96 -13.13
CA ALA C 22 -5.23 -19.67 -13.47
C ALA C 22 -4.16 -18.75 -14.06
N LEU C 23 -4.63 -17.71 -14.75
CA LEU C 23 -3.77 -16.76 -15.43
C LEU C 23 -3.72 -15.41 -14.70
N LEU C 24 -2.51 -14.92 -14.43
CA LEU C 24 -2.34 -13.61 -13.78
C LEU C 24 -2.60 -12.57 -14.88
N ASP C 25 -3.73 -11.88 -14.78
CA ASP C 25 -4.18 -11.01 -15.85
C ASP C 25 -4.38 -9.54 -15.45
N THR C 26 -3.39 -8.69 -15.75
CA THR C 26 -3.45 -7.26 -15.41
C THR C 26 -4.54 -6.53 -16.17
N GLY C 27 -4.90 -7.02 -17.36
CA GLY C 27 -5.93 -6.38 -18.13
C GLY C 27 -7.34 -6.76 -17.69
N ALA C 28 -7.43 -7.66 -16.71
CA ALA C 28 -8.74 -8.11 -16.22
C ALA C 28 -9.15 -7.38 -14.93
N ASP C 29 -10.29 -6.70 -14.95
CA ASP C 29 -10.74 -6.00 -13.75
C ASP C 29 -11.17 -7.01 -12.68
N ASP C 30 -11.83 -8.08 -13.13
CA ASP C 30 -12.38 -9.07 -12.21
C ASP C 30 -11.66 -10.41 -12.28
N THR C 31 -11.99 -11.25 -11.32
CA THR C 31 -11.45 -12.59 -11.24
C THR C 31 -12.59 -13.52 -11.62
N VAL C 32 -12.36 -14.34 -12.65
CA VAL C 32 -13.40 -15.25 -13.10
C VAL C 32 -12.84 -16.65 -13.29
N ILE C 33 -13.57 -17.62 -12.73
CA ILE C 33 -13.18 -19.02 -12.77
C ILE C 33 -14.27 -19.87 -13.42
N GLU C 34 -13.86 -20.95 -14.08
CA GLU C 34 -14.80 -21.87 -14.73
C GLU C 34 -15.70 -22.45 -13.65
N GLU C 35 -16.78 -23.12 -14.07
CA GLU C 35 -17.71 -23.72 -13.11
C GLU C 35 -17.00 -24.36 -11.94
N ILE C 36 -17.36 -23.91 -10.73
CA ILE C 36 -16.78 -24.39 -9.50
C ILE C 36 -17.83 -24.15 -8.42
N ALA C 37 -17.85 -25.03 -7.41
CA ALA C 37 -18.83 -24.92 -6.33
C ALA C 37 -18.37 -23.95 -5.26
N LEU C 38 -19.12 -22.86 -5.09
CA LEU C 38 -18.79 -21.87 -4.07
C LEU C 38 -19.96 -21.68 -3.12
N PRO C 39 -19.66 -21.57 -1.81
CA PRO C 39 -20.68 -21.39 -0.77
C PRO C 39 -21.19 -19.96 -0.68
N GLY C 40 -22.38 -19.81 -0.09
CA GLY C 40 -22.96 -18.49 0.06
C GLY C 40 -23.91 -18.15 -1.06
N ARG C 41 -24.55 -16.99 -0.96
CA ARG C 41 -25.48 -16.55 -1.98
C ARG C 41 -24.67 -15.85 -3.08
N TRP C 42 -25.27 -15.76 -4.28
CA TRP C 42 -24.60 -15.10 -5.40
C TRP C 42 -25.54 -14.17 -6.13
N LYS C 43 -24.95 -13.25 -6.92
CA LYS C 43 -25.69 -12.29 -7.72
C LYS C 43 -25.31 -12.48 -9.19
N PRO C 44 -26.27 -12.30 -10.11
CA PRO C 44 -25.94 -12.47 -11.52
C PRO C 44 -25.21 -11.22 -12.03
N LYS C 45 -24.31 -11.42 -13.00
CA LYS C 45 -23.57 -10.30 -13.55
C LYS C 45 -23.13 -10.60 -14.98
N MET C 46 -22.97 -9.53 -15.77
CA MET C 46 -22.52 -9.64 -17.14
C MET C 46 -21.13 -9.02 -17.22
N ILE C 47 -20.18 -9.76 -17.79
CA ILE C 47 -18.85 -9.20 -17.96
C ILE C 47 -18.45 -9.28 -19.42
N GLY C 48 -17.80 -8.22 -19.90
CA GLY C 48 -17.40 -8.18 -21.29
C GLY C 48 -15.95 -8.51 -21.61
N GLY C 49 -15.78 -9.36 -22.62
CA GLY C 49 -14.45 -9.74 -23.05
C GLY C 49 -14.23 -9.18 -24.45
N ILE C 50 -13.14 -9.56 -25.11
CA ILE C 50 -12.90 -9.04 -26.44
C ILE C 50 -13.95 -9.60 -27.40
N GLY C 51 -14.53 -10.75 -27.06
CA GLY C 51 -15.51 -11.37 -27.92
C GLY C 51 -16.96 -11.07 -27.60
N GLY C 52 -17.19 -10.35 -26.50
CA GLY C 52 -18.54 -10.03 -26.10
C GLY C 52 -18.76 -10.32 -24.64
N PHE C 53 -20.00 -10.28 -24.19
CA PHE C 53 -20.32 -10.52 -22.79
C PHE C 53 -20.77 -11.94 -22.51
N ILE C 54 -20.47 -12.42 -21.30
CA ILE C 54 -20.94 -13.72 -20.84
C ILE C 54 -21.64 -13.47 -19.49
N LYS C 55 -22.56 -14.35 -19.13
CA LYS C 55 -23.29 -14.21 -17.87
C LYS C 55 -22.55 -15.02 -16.82
N VAL C 56 -22.41 -14.46 -15.61
CA VAL C 56 -21.68 -15.14 -14.55
C VAL C 56 -22.36 -14.98 -13.20
N ARG C 57 -21.97 -15.83 -12.26
CA ARG C 57 -22.49 -15.75 -10.89
C ARG C 57 -21.42 -15.06 -10.04
N GLN C 58 -21.84 -14.01 -9.32
CA GLN C 58 -20.92 -13.26 -8.48
C GLN C 58 -20.95 -13.70 -7.03
N TYR C 59 -19.83 -14.21 -6.54
CA TYR C 59 -19.69 -14.59 -5.14
C TYR C 59 -18.78 -13.57 -4.48
N ASP C 60 -19.08 -13.22 -3.23
CA ASP C 60 -18.26 -12.26 -2.51
C ASP C 60 -17.56 -12.92 -1.31
N GLN C 61 -16.54 -12.25 -0.79
CA GLN C 61 -15.81 -12.73 0.37
C GLN C 61 -15.25 -14.13 0.12
N ILE C 62 -14.64 -14.33 -1.04
CA ILE C 62 -14.06 -15.62 -1.37
C ILE C 62 -12.55 -15.55 -1.20
N ILE C 63 -11.99 -16.55 -0.53
CA ILE C 63 -10.56 -16.61 -0.30
C ILE C 63 -9.87 -17.45 -1.36
N ILE C 64 -8.69 -16.99 -1.80
CA ILE C 64 -7.89 -17.71 -2.78
C ILE C 64 -6.45 -17.67 -2.29
N GLU C 65 -5.69 -18.70 -2.62
CA GLU C 65 -4.29 -18.74 -2.23
C GLU C 65 -3.43 -18.91 -3.49
N ILE C 66 -2.34 -18.16 -3.56
CA ILE C 66 -1.43 -18.21 -4.70
C ILE C 66 0.00 -18.01 -4.23
N CYS C 67 0.82 -19.05 -4.41
CA CYS C 67 2.24 -18.98 -4.05
C CYS C 67 2.44 -18.59 -2.59
N GLY C 68 1.70 -19.23 -1.69
CA GLY C 68 1.84 -18.92 -0.27
C GLY C 68 1.16 -17.67 0.23
N LYS C 69 0.66 -16.84 -0.69
CA LYS C 69 -0.03 -15.61 -0.32
C LYS C 69 -1.53 -15.78 -0.45
N LYS C 70 -2.29 -15.17 0.47
CA LYS C 70 -3.74 -15.28 0.46
C LYS C 70 -4.40 -13.94 0.16
N ALA C 71 -5.62 -14.01 -0.39
CA ALA C 71 -6.39 -12.83 -0.71
C ALA C 71 -7.85 -13.17 -0.62
N ILE C 72 -8.67 -12.17 -0.26
CA ILE C 72 -10.10 -12.36 -0.20
C ILE C 72 -10.76 -11.30 -1.06
N GLY C 73 -11.85 -11.66 -1.73
CA GLY C 73 -12.55 -10.72 -2.57
C GLY C 73 -13.61 -11.40 -3.41
N THR C 74 -14.16 -10.64 -4.37
CA THR C 74 -15.19 -11.17 -5.24
C THR C 74 -14.62 -12.12 -6.30
N VAL C 75 -15.34 -13.23 -6.51
CA VAL C 75 -14.97 -14.21 -7.53
C VAL C 75 -16.18 -14.43 -8.41
N LEU C 76 -15.99 -14.33 -9.72
CA LEU C 76 -17.08 -14.52 -10.68
C LEU C 76 -16.97 -15.93 -11.24
N VAL C 77 -18.10 -16.64 -11.31
CA VAL C 77 -18.13 -18.00 -11.80
C VAL C 77 -18.96 -18.09 -13.06
N GLY C 78 -18.34 -18.61 -14.13
CA GLY C 78 -19.03 -18.73 -15.39
C GLY C 78 -18.23 -19.41 -16.50
N PRO C 79 -18.77 -19.44 -17.73
CA PRO C 79 -18.12 -20.06 -18.89
C PRO C 79 -16.96 -19.26 -19.48
N THR C 80 -15.84 -19.27 -18.75
CA THR C 80 -14.65 -18.56 -19.21
C THR C 80 -13.68 -19.61 -19.77
N PRO C 81 -13.10 -19.35 -20.95
CA PRO C 81 -12.16 -20.27 -21.58
C PRO C 81 -10.94 -20.59 -20.76
N VAL C 82 -10.57 -19.66 -19.88
CA VAL C 82 -9.40 -19.81 -19.01
C VAL C 82 -9.74 -19.22 -17.66
N ASN C 83 -9.12 -19.74 -16.60
CA ASN C 83 -9.36 -19.15 -15.29
C ASN C 83 -8.49 -17.89 -15.18
N ILE C 84 -9.11 -16.81 -14.70
CA ILE C 84 -8.45 -15.51 -14.69
C ILE C 84 -8.38 -14.85 -13.31
N ILE C 85 -7.16 -14.52 -12.90
CA ILE C 85 -6.96 -13.80 -11.67
C ILE C 85 -6.80 -12.34 -12.07
N GLY C 86 -7.80 -11.53 -11.71
CA GLY C 86 -7.79 -10.12 -12.06
C GLY C 86 -7.19 -9.18 -11.03
N ARG C 87 -7.22 -7.88 -11.34
CA ARG C 87 -6.67 -6.86 -10.47
C ARG C 87 -7.27 -6.85 -9.06
N ASN C 88 -8.57 -7.16 -8.91
CA ASN C 88 -9.18 -7.13 -7.58
C ASN C 88 -8.47 -8.09 -6.62
N MET C 89 -7.81 -9.10 -7.17
CA MET C 89 -7.06 -10.06 -6.37
C MET C 89 -5.55 -9.81 -6.48
N LEU C 90 -5.09 -9.42 -7.66
CA LEU C 90 -3.66 -9.16 -7.87
C LEU C 90 -3.14 -8.09 -6.92
N THR C 91 -3.93 -7.04 -6.67
CA THR C 91 -3.51 -5.98 -5.74
C THR C 91 -3.27 -6.58 -4.34
N GLN C 92 -4.17 -7.45 -3.91
CA GLN C 92 -4.09 -8.06 -2.58
C GLN C 92 -2.85 -8.92 -2.39
N LEU C 93 -2.31 -9.44 -3.50
CA LEU C 93 -1.12 -10.28 -3.45
C LEU C 93 0.12 -9.41 -3.55
N GLY C 94 -0.08 -8.10 -3.74
CA GLY C 94 1.05 -7.20 -3.86
C GLY C 94 1.75 -7.38 -5.20
N CYS C 95 0.99 -7.80 -6.21
CA CYS C 95 1.51 -8.03 -7.54
C CYS C 95 1.62 -6.73 -8.33
N THR C 96 2.80 -6.46 -8.88
CA THR C 96 3.01 -5.26 -9.67
C THR C 96 3.61 -5.58 -11.04
N LEU C 97 3.60 -4.57 -11.91
CA LEU C 97 4.12 -4.69 -13.26
C LEU C 97 5.44 -3.94 -13.24
N ASN C 98 6.52 -4.59 -13.68
CA ASN C 98 7.82 -3.93 -13.62
C ASN C 98 8.64 -4.02 -14.90
N PHE C 99 9.29 -2.91 -15.23
CA PHE C 99 10.18 -2.83 -16.38
C PHE C 99 11.04 -1.58 -16.25
N PRO D 1 10.28 1.40 -14.34
CA PRO D 1 9.30 1.81 -13.31
C PRO D 1 8.47 0.65 -12.76
N GLN D 2 7.54 0.98 -11.87
CA GLN D 2 6.68 -0.01 -11.24
C GLN D 2 5.24 0.49 -11.24
N ILE D 3 4.37 -0.32 -11.84
CA ILE D 3 2.96 0.02 -11.99
C ILE D 3 2.11 -0.86 -11.07
N THR D 4 1.38 -0.23 -10.16
CA THR D 4 0.49 -0.97 -9.27
C THR D 4 -0.82 -1.20 -10.03
N LEU D 5 -1.65 -2.10 -9.53
CA LEU D 5 -2.88 -2.47 -10.24
C LEU D 5 -4.17 -2.05 -9.55
N TRP D 6 -4.08 -1.06 -8.66
CA TRP D 6 -5.26 -0.55 -7.95
C TRP D 6 -6.24 0.06 -8.94
N LYS D 7 -5.74 0.44 -10.11
CA LYS D 7 -6.61 0.89 -11.19
C LYS D 7 -6.07 0.29 -12.48
N ARG D 8 -6.81 0.44 -13.57
CA ARG D 8 -6.40 -0.11 -14.85
C ARG D 8 -5.05 0.42 -15.28
N PRO D 9 -4.13 -0.48 -15.67
CA PRO D 9 -2.80 -0.08 -16.11
C PRO D 9 -2.85 0.51 -17.53
N LEU D 10 -3.38 1.72 -17.62
CA LEU D 10 -3.51 2.41 -18.89
C LEU D 10 -2.31 3.30 -19.14
N VAL D 11 -1.80 3.31 -20.37
CA VAL D 11 -0.67 4.16 -20.72
C VAL D 11 -0.92 4.78 -22.09
N SER D 12 -0.17 5.85 -22.40
CA SER D 12 -0.25 6.47 -23.71
C SER D 12 0.70 5.74 -24.64
N ILE D 13 0.31 5.58 -25.89
CA ILE D 13 1.17 4.92 -26.86
C ILE D 13 1.13 5.69 -28.17
N LYS D 14 2.16 5.52 -28.98
CA LYS D 14 2.17 6.11 -30.30
C LYS D 14 2.28 5.00 -31.34
N VAL D 15 1.29 4.93 -32.22
CA VAL D 15 1.25 3.93 -33.28
C VAL D 15 0.49 4.52 -34.46
N GLY D 16 0.91 4.16 -35.68
CA GLY D 16 0.25 4.67 -36.86
C GLY D 16 0.30 6.19 -36.87
N GLY D 17 1.36 6.75 -36.28
CA GLY D 17 1.52 8.19 -36.22
C GLY D 17 0.50 8.87 -35.32
N GLN D 18 -0.19 8.06 -34.52
CA GLN D 18 -1.20 8.59 -33.61
C GLN D 18 -0.94 8.28 -32.13
N ILE D 19 -1.39 9.17 -31.27
CA ILE D 19 -1.28 8.97 -29.83
C ILE D 19 -2.59 8.35 -29.37
N LYS D 20 -2.50 7.20 -28.70
CA LYS D 20 -3.68 6.53 -28.17
C LYS D 20 -3.45 6.02 -26.76
N GLU D 21 -4.53 5.60 -26.11
CA GLU D 21 -4.47 5.06 -24.77
C GLU D 21 -4.61 3.54 -24.89
N ALA D 22 -3.76 2.79 -24.18
CA ALA D 22 -3.80 1.34 -24.28
C ALA D 22 -3.63 0.67 -22.92
N LEU D 23 -4.05 -0.59 -22.86
CA LEU D 23 -4.02 -1.38 -21.63
C LEU D 23 -2.84 -2.35 -21.63
N LEU D 24 -2.00 -2.30 -20.58
CA LEU D 24 -0.90 -3.25 -20.47
C LEU D 24 -1.54 -4.53 -19.94
N ASP D 25 -1.65 -5.53 -20.81
CA ASP D 25 -2.42 -6.73 -20.50
C ASP D 25 -1.62 -8.03 -20.52
N THR D 26 -1.23 -8.50 -19.33
CA THR D 26 -0.46 -9.75 -19.24
C THR D 26 -1.30 -10.97 -19.66
N GLY D 27 -2.62 -10.83 -19.63
CA GLY D 27 -3.48 -11.94 -20.01
C GLY D 27 -3.72 -12.03 -21.50
N ALA D 28 -3.13 -11.09 -22.24
CA ALA D 28 -3.29 -11.06 -23.68
C ALA D 28 -2.05 -11.59 -24.40
N ASP D 29 -2.23 -12.59 -25.26
CA ASP D 29 -1.11 -13.14 -26.02
C ASP D 29 -0.61 -12.09 -27.01
N ASP D 30 -1.54 -11.40 -27.67
CA ASP D 30 -1.15 -10.45 -28.71
C ASP D 30 -1.54 -9.03 -28.38
N THR D 31 -1.14 -8.12 -29.28
CA THR D 31 -1.42 -6.70 -29.15
C THR D 31 -2.44 -6.31 -30.22
N VAL D 32 -3.61 -5.84 -29.79
CA VAL D 32 -4.67 -5.48 -30.73
C VAL D 32 -5.15 -4.03 -30.53
N ILE D 33 -5.30 -3.32 -31.63
CA ILE D 33 -5.69 -1.93 -31.59
C ILE D 33 -6.92 -1.63 -32.44
N GLU D 34 -7.68 -0.62 -32.02
CA GLU D 34 -8.89 -0.20 -32.74
C GLU D 34 -8.53 0.15 -34.16
N GLU D 35 -9.57 0.22 -35.00
CA GLU D 35 -9.41 0.55 -36.41
C GLU D 35 -8.44 1.72 -36.53
N ILE D 36 -7.39 1.51 -37.31
CA ILE D 36 -6.39 2.54 -37.54
C ILE D 36 -5.65 2.17 -38.82
N ALA D 37 -5.00 3.14 -39.43
CA ALA D 37 -4.30 2.88 -40.68
C ALA D 37 -2.86 2.50 -40.44
N LEU D 38 -2.49 1.28 -40.86
CA LEU D 38 -1.11 0.83 -40.74
C LEU D 38 -0.57 0.52 -42.13
N PRO D 39 0.74 0.72 -42.33
CA PRO D 39 1.40 0.47 -43.61
C PRO D 39 1.72 -1.00 -43.87
N GLY D 40 1.85 -1.36 -45.14
CA GLY D 40 2.19 -2.73 -45.49
C GLY D 40 1.02 -3.67 -45.73
N ARG D 41 1.34 -4.94 -45.96
CA ARG D 41 0.34 -5.95 -46.23
C ARG D 41 -0.06 -6.62 -44.92
N TRP D 42 -1.27 -7.20 -44.87
CA TRP D 42 -1.71 -7.86 -43.66
C TRP D 42 -2.23 -9.26 -43.95
N LYS D 43 -2.34 -10.07 -42.89
CA LYS D 43 -2.88 -11.42 -42.99
C LYS D 43 -4.07 -11.47 -42.04
N PRO D 44 -5.02 -12.37 -42.31
CA PRO D 44 -6.18 -12.46 -41.43
C PRO D 44 -5.85 -13.26 -40.17
N LYS D 45 -6.59 -13.02 -39.09
CA LYS D 45 -6.37 -13.76 -37.86
C LYS D 45 -7.60 -13.73 -36.96
N MET D 46 -7.78 -14.83 -36.23
CA MET D 46 -8.87 -14.97 -35.28
C MET D 46 -8.25 -14.95 -33.89
N ILE D 47 -8.72 -14.05 -33.03
CA ILE D 47 -8.24 -14.04 -31.66
C ILE D 47 -9.44 -14.24 -30.76
N GLY D 48 -9.29 -15.09 -29.75
CA GLY D 48 -10.39 -15.34 -28.85
C GLY D 48 -10.15 -15.04 -27.38
N GLY D 49 -11.19 -14.54 -26.73
CA GLY D 49 -11.11 -14.22 -25.31
C GLY D 49 -12.44 -14.56 -24.69
N ILE D 50 -12.83 -13.85 -23.63
CA ILE D 50 -14.11 -14.10 -23.01
C ILE D 50 -15.13 -13.64 -24.04
N GLY D 51 -16.20 -14.42 -24.22
CA GLY D 51 -17.22 -14.04 -25.18
C GLY D 51 -17.03 -14.52 -26.61
N GLY D 52 -15.91 -15.19 -26.87
CA GLY D 52 -15.67 -15.69 -28.22
C GLY D 52 -14.56 -15.05 -29.02
N PHE D 53 -14.61 -15.20 -30.34
CA PHE D 53 -13.59 -14.66 -31.23
C PHE D 53 -13.97 -13.44 -32.04
N ILE D 54 -12.97 -12.69 -32.46
CA ILE D 54 -13.17 -11.57 -33.37
C ILE D 54 -12.13 -11.67 -34.49
N LYS D 55 -12.49 -11.15 -35.67
CA LYS D 55 -11.59 -11.17 -36.82
C LYS D 55 -10.78 -9.88 -36.85
N VAL D 56 -9.46 -10.01 -36.95
CA VAL D 56 -8.60 -8.83 -37.01
C VAL D 56 -7.61 -8.93 -38.16
N ARG D 57 -6.97 -7.81 -38.49
CA ARG D 57 -5.96 -7.77 -39.53
C ARG D 57 -4.60 -7.77 -38.84
N GLN D 58 -3.69 -8.63 -39.31
CA GLN D 58 -2.35 -8.72 -38.71
C GLN D 58 -1.28 -8.02 -39.53
N TYR D 59 -0.71 -6.95 -38.98
CA TYR D 59 0.41 -6.25 -39.62
C TYR D 59 1.67 -6.60 -38.83
N ASP D 60 2.78 -6.80 -39.53
CA ASP D 60 4.01 -7.15 -38.84
C ASP D 60 5.06 -6.03 -38.85
N GLN D 61 6.01 -6.14 -37.92
CA GLN D 61 7.11 -5.19 -37.78
C GLN D 61 6.63 -3.75 -37.71
N ILE D 62 5.62 -3.51 -36.90
CA ILE D 62 5.05 -2.18 -36.70
C ILE D 62 5.75 -1.50 -35.53
N ILE D 63 6.10 -0.22 -35.70
CA ILE D 63 6.75 0.53 -34.65
C ILE D 63 5.71 1.06 -33.66
N ILE D 64 6.02 0.97 -32.37
CA ILE D 64 5.11 1.46 -31.34
C ILE D 64 5.89 2.01 -30.14
N GLU D 65 5.50 3.20 -29.68
CA GLU D 65 6.15 3.80 -28.52
C GLU D 65 5.25 3.59 -27.31
N ILE D 66 5.83 3.07 -26.23
CA ILE D 66 5.08 2.78 -25.01
C ILE D 66 5.96 3.19 -23.84
N CYS D 67 5.43 4.06 -22.97
CA CYS D 67 6.14 4.53 -21.79
C CYS D 67 7.58 4.94 -22.10
N GLY D 68 7.73 5.78 -23.11
CA GLY D 68 9.06 6.24 -23.48
C GLY D 68 9.98 5.19 -24.06
N LYS D 69 9.41 4.05 -24.46
CA LYS D 69 10.21 2.99 -25.05
C LYS D 69 9.68 2.66 -26.44
N LYS D 70 10.57 2.22 -27.31
CA LYS D 70 10.16 1.82 -28.64
C LYS D 70 10.12 0.30 -28.72
N ALA D 71 9.09 -0.20 -29.37
CA ALA D 71 8.94 -1.63 -29.61
C ALA D 71 8.58 -1.76 -31.09
N ILE D 72 9.07 -2.83 -31.72
CA ILE D 72 8.75 -3.07 -33.12
C ILE D 72 8.30 -4.51 -33.21
N GLY D 73 7.05 -4.71 -33.61
CA GLY D 73 6.52 -6.06 -33.70
C GLY D 73 5.16 -6.19 -34.32
N THR D 74 4.54 -7.35 -34.11
CA THR D 74 3.22 -7.62 -34.66
C THR D 74 2.12 -6.84 -33.96
N VAL D 75 1.27 -6.20 -34.76
CA VAL D 75 0.14 -5.44 -34.22
C VAL D 75 -1.12 -5.87 -34.98
N LEU D 76 -2.15 -6.23 -34.21
CA LEU D 76 -3.42 -6.65 -34.80
C LEU D 76 -4.38 -5.47 -34.75
N VAL D 77 -5.20 -5.34 -35.79
CA VAL D 77 -6.16 -4.25 -35.88
C VAL D 77 -7.54 -4.84 -36.04
N GLY D 78 -8.50 -4.33 -35.26
CA GLY D 78 -9.86 -4.83 -35.35
C GLY D 78 -10.80 -4.24 -34.31
N PRO D 79 -12.02 -4.75 -34.23
CA PRO D 79 -13.04 -4.28 -33.28
C PRO D 79 -12.79 -4.74 -31.85
N THR D 80 -11.74 -4.24 -31.21
CA THR D 80 -11.47 -4.56 -29.83
C THR D 80 -12.02 -3.46 -28.95
N PRO D 81 -12.70 -3.82 -27.86
CA PRO D 81 -13.28 -2.85 -26.93
C PRO D 81 -12.31 -1.78 -26.44
N VAL D 82 -11.05 -2.18 -26.21
CA VAL D 82 -10.00 -1.25 -25.76
C VAL D 82 -8.69 -1.62 -26.45
N ASN D 83 -7.79 -0.65 -26.57
CA ASN D 83 -6.50 -0.94 -27.18
C ASN D 83 -5.70 -1.78 -26.19
N ILE D 84 -5.11 -2.87 -26.67
CA ILE D 84 -4.43 -3.82 -25.80
C ILE D 84 -2.97 -4.08 -26.13
N ILE D 85 -2.10 -3.86 -25.15
CA ILE D 85 -0.70 -4.20 -25.32
C ILE D 85 -0.52 -5.58 -24.72
N GLY D 86 -0.26 -6.56 -25.58
CA GLY D 86 -0.09 -7.92 -25.13
C GLY D 86 1.35 -8.35 -24.89
N ARG D 87 1.52 -9.61 -24.48
CA ARG D 87 2.83 -10.14 -24.16
C ARG D 87 3.89 -10.01 -25.25
N ASN D 88 3.48 -10.08 -26.52
CA ASN D 88 4.45 -9.98 -27.61
C ASN D 88 5.20 -8.64 -27.53
N MET D 89 4.51 -7.60 -27.06
CA MET D 89 5.11 -6.28 -26.92
C MET D 89 5.67 -6.07 -25.52
N LEU D 90 4.96 -6.56 -24.52
CA LEU D 90 5.38 -6.42 -23.12
C LEU D 90 6.76 -7.03 -22.90
N THR D 91 7.04 -8.16 -23.57
CA THR D 91 8.35 -8.80 -23.39
C THR D 91 9.43 -7.88 -23.98
N GLN D 92 9.14 -7.24 -25.12
CA GLN D 92 10.11 -6.32 -25.70
C GLN D 92 10.46 -5.20 -24.75
N LEU D 93 9.49 -4.80 -23.91
CA LEU D 93 9.74 -3.75 -22.94
C LEU D 93 10.45 -4.28 -21.70
N GLY D 94 10.68 -5.59 -21.63
CA GLY D 94 11.34 -6.18 -20.47
C GLY D 94 10.43 -6.20 -19.25
N CYS D 95 9.13 -6.28 -19.51
CA CYS D 95 8.13 -6.27 -18.46
C CYS D 95 7.98 -7.61 -17.76
N THR D 96 7.83 -7.59 -16.44
CA THR D 96 7.64 -8.80 -15.64
C THR D 96 6.64 -8.53 -14.52
N LEU D 97 6.00 -9.59 -14.02
CA LEU D 97 5.09 -9.49 -12.88
C LEU D 97 5.87 -9.81 -11.62
N ASN D 98 5.64 -9.05 -10.55
CA ASN D 98 6.36 -9.26 -9.30
C ASN D 98 5.44 -9.25 -8.09
N PHE D 99 5.63 -10.22 -7.20
CA PHE D 99 4.83 -10.29 -5.98
C PHE D 99 5.45 -11.29 -5.00
CL CL E . 17.76 14.71 29.13
CL CL F . -9.38 4.08 13.20
NA NA G . 0.24 13.13 16.89
N1 MK1 H . 10.12 4.53 16.96
C1 MK1 H . 10.76 5.82 16.58
C2 MK1 H . 10.18 7.04 17.31
C3 MK1 H . 10.92 8.29 16.85
O1 MK1 H . 10.70 8.73 15.72
N2 MK1 H . 11.79 8.83 17.73
C4 MK1 H . 12.61 10.03 17.52
C5 MK1 H . 13.42 10.18 18.81
C6 MK1 H . 11.72 11.25 17.35
C7 MK1 H . 13.60 9.85 16.36
N3 MK1 H . 8.68 7.07 16.95
C8 MK1 H . 7.97 5.82 17.37
C9 MK1 H . 8.67 4.64 16.69
C10 MK1 H . 7.96 8.18 17.61
C11 MK1 H . 6.95 8.83 16.64
O2 MK1 H . 5.84 9.23 17.45
C12 MK1 H . 7.48 10.09 15.93
C13 MK1 H . 6.49 10.74 14.94
C14 MK1 H . 7.11 12.00 14.31
C15 MK1 H . 6.20 12.69 13.31
C16 MK1 H . 4.91 13.16 13.67
C17 MK1 H . 4.06 13.78 12.72
C18 MK1 H . 4.53 13.93 11.39
C19 MK1 H . 5.81 13.47 11.02
C20 MK1 H . 6.65 12.84 11.97
C21 MK1 H . 6.12 9.75 13.81
O3 MK1 H . 6.94 9.04 13.23
N4 MK1 H . 4.82 9.74 13.52
C22 MK1 H . 4.29 9.25 12.29
C23 MK1 H . 3.18 10.07 11.67
O4 MK1 H . 2.33 10.63 12.68
C24 MK1 H . 2.42 9.11 10.79
C25 MK1 H . 2.55 7.77 11.48
C26 MK1 H . 1.79 6.57 11.39
C27 MK1 H . 2.17 5.47 12.18
C28 MK1 H . 3.27 5.52 13.06
C29 MK1 H . 4.00 6.71 13.15
C30 MK1 H . 3.68 7.86 12.38
C31 MK1 H . 10.73 3.40 16.24
C32 MK1 H . 12.21 3.12 16.43
C33 MK1 H . 12.72 2.68 17.66
N5 MK1 H . 14.07 2.39 17.94
C34 MK1 H . 14.89 2.60 16.80
C35 MK1 H . 14.48 3.03 15.53
C36 MK1 H . 13.11 3.30 15.34
CL CL I . -13.05 -7.77 -4.84
CL CL J . 5.83 -9.28 -32.07
N1 MK1 K . -11.17 -6.11 -22.11
C1 MK1 K . -11.77 -7.34 -21.53
C2 MK1 K . -10.85 -8.05 -20.53
C3 MK1 K . -11.57 -9.28 -19.99
O1 MK1 K . -11.70 -10.27 -20.73
N2 MK1 K . -12.02 -9.20 -18.71
C4 MK1 K . -12.74 -10.25 -17.98
C5 MK1 K . -13.03 -9.62 -16.62
C6 MK1 K . -11.84 -11.47 -17.79
C7 MK1 K . -14.07 -10.62 -18.63
N3 MK1 K . -9.57 -8.40 -21.32
C8 MK1 K . -8.91 -7.20 -21.88
C9 MK1 K . -9.92 -6.48 -22.77
C10 MK1 K . -8.55 -9.08 -20.47
C11 MK1 K . -7.88 -10.23 -21.26
O2 MK1 K . -6.52 -10.24 -20.83
C12 MK1 K . -8.50 -11.62 -20.99
C13 MK1 K . -7.84 -12.77 -21.78
C14 MK1 K . -8.52 -14.11 -21.41
C15 MK1 K . -7.94 -15.31 -22.17
C16 MK1 K . -6.56 -15.64 -22.09
C17 MK1 K . -6.03 -16.75 -22.80
C18 MK1 K . -6.91 -17.52 -23.59
C19 MK1 K . -8.28 -17.19 -23.66
C20 MK1 K . -8.81 -16.09 -22.96
C21 MK1 K . -7.98 -12.52 -23.29
O3 MK1 K . -9.02 -12.12 -23.84
N4 MK1 K . -6.88 -12.78 -23.99
C22 MK1 K . -6.86 -13.07 -25.38
C23 MK1 K . -5.94 -14.21 -25.83
O4 MK1 K . -4.74 -14.22 -25.05
C24 MK1 K . -5.65 -13.91 -27.27
C25 MK1 K . -5.67 -12.41 -27.38
C26 MK1 K . -5.13 -11.50 -28.33
C27 MK1 K . -5.33 -10.12 -28.15
C28 MK1 K . -6.04 -9.61 -27.05
C29 MK1 K . -6.57 -10.51 -26.12
C30 MK1 K . -6.41 -11.90 -26.24
C31 MK1 K . -12.12 -5.45 -23.04
C32 MK1 K . -13.47 -4.98 -22.52
C33 MK1 K . -13.57 -3.92 -21.60
N5 MK1 K . -14.76 -3.41 -21.04
C34 MK1 K . -15.89 -4.09 -21.54
C35 MK1 K . -15.89 -5.15 -22.46
C36 MK1 K . -14.67 -5.60 -22.96
#